data_8BVR
#
_entry.id   8BVR
#
_cell.length_a   1.00
_cell.length_b   1.00
_cell.length_c   1.00
_cell.angle_alpha   90.00
_cell.angle_beta   90.00
_cell.angle_gamma   90.00
#
_symmetry.space_group_name_H-M   'P 1'
#
loop_
_entity.id
_entity.type
_entity.pdbx_description
1 polymer 'Solute carrier family 22 member 6'
2 polymer 'Synthetic nanobody (Sybody)'
3 non-polymer 'PHOSPHATE ION'
#
loop_
_entity_poly.entity_id
_entity_poly.type
_entity_poly.pdbx_seq_one_letter_code
_entity_poly.pdbx_strand_id
1 'polypeptide(L)'
;MAFNDLLKQVGGVGRFQLIQVTMVVAPLLLMASHNTLQNFTAAIPPHHCRPPANANLSKDGGLEAWLPLDKQGQPESCLR
FTSPQWGPPFYNGTEANGTRVTEPCIDGWVYDNSTFPSTIVTEWNLVCSHRAFRQLAQSLYMVGVLLGAMVFGYLADRLG
RRKVLILNYLQTAVSGTCAAYAPNYTVYCVFRLLSGMSLASIAINCMTLNVEWMPIHTRAYVGTLIGYVYSLGQFLLAGI
AYAVPHWRHLQLVVSVPFFIAFIYSWFFIESARWYSSSGRLDLTLRALQRVARINGKQEEGAKLSIEVLRTSLQKELTLS
KGQASAMELLRCPTLRHLFLCLSMLWFATSFAYYGLVMDLQGFGVSMYLIQVIFGAVDLPAKFVCFLVINSMGRRPAQMA
SLLLAGICILVNGIIPKSHTIIRTSLAVLGKGCLASSFNCIFLYTGELYPTVIRQTGLGMGSTMARVGSIVSPLVSMTAE
FYPSMPLFIFGAVPVVASAVTALLPETLGQPLPDTVQDLKSRSRGKQNQQQQEQQKQMMPLENLYFQ
;
A
2 'polypeptide(L)'
;MAGSSSQVQLVESGGGLVQAGGSLRLSCAASGFPVKTEWMEWYRQAPGKEREWVAAIWSYGSGTRYADSVKGRFTISRDN
AKNTVYLQMNSLKPEDTAVYYCLVRVGSWYHGQGTQVTVSAGRAGEQKLISEEDLNSAVDHHHHHH
;
B
#
loop_
_chem_comp.id
_chem_comp.type
_chem_comp.name
_chem_comp.formula
PO4 non-polymer 'PHOSPHATE ION' 'O4 P -3'
#
# COMPACT_ATOMS: atom_id res chain seq x y z
N MET A 1 -21.52 -40.91 7.95
CA MET A 1 -20.45 -41.49 7.16
C MET A 1 -20.21 -40.67 5.90
N ALA A 2 -20.02 -39.37 6.07
CA ALA A 2 -19.85 -38.45 4.94
C ALA A 2 -18.41 -38.53 4.43
N PHE A 3 -18.04 -37.57 3.57
CA PHE A 3 -16.68 -37.55 3.02
C PHE A 3 -15.64 -37.40 4.12
N ASN A 4 -15.98 -36.74 5.22
CA ASN A 4 -15.04 -36.62 6.33
C ASN A 4 -14.70 -37.97 6.92
N ASP A 5 -15.68 -38.87 7.01
CA ASP A 5 -15.43 -40.21 7.53
C ASP A 5 -14.42 -40.95 6.67
N LEU A 6 -14.59 -40.88 5.34
CA LEU A 6 -13.63 -41.51 4.44
C LEU A 6 -12.27 -40.84 4.54
N LEU A 7 -12.24 -39.52 4.76
CA LEU A 7 -10.96 -38.83 4.90
C LEU A 7 -10.20 -39.31 6.14
N LYS A 8 -10.89 -39.47 7.27
CA LYS A 8 -10.21 -39.99 8.45
C LYS A 8 -9.96 -41.49 8.36
N GLN A 9 -10.65 -42.18 7.45
CA GLN A 9 -10.36 -43.60 7.22
C GLN A 9 -8.94 -43.78 6.71
N VAL A 10 -8.49 -42.91 5.81
CA VAL A 10 -7.13 -42.95 5.30
C VAL A 10 -6.39 -41.79 5.96
N GLY A 11 -5.75 -42.08 7.09
CA GLY A 11 -4.96 -41.09 7.80
C GLY A 11 -5.76 -39.92 8.34
N GLY A 12 -5.60 -38.76 7.71
CA GLY A 12 -6.21 -37.52 8.16
C GLY A 12 -5.24 -36.58 8.86
N VAL A 13 -4.17 -37.11 9.43
CA VAL A 13 -3.10 -36.31 10.01
C VAL A 13 -1.79 -36.87 9.48
N GLY A 14 -1.88 -37.72 8.46
CA GLY A 14 -0.73 -38.46 7.97
C GLY A 14 0.29 -37.59 7.27
N ARG A 15 1.36 -38.26 6.82
CA ARG A 15 2.48 -37.57 6.20
C ARG A 15 2.06 -36.89 4.90
N PHE A 16 1.15 -37.51 4.15
CA PHE A 16 0.73 -36.95 2.86
C PHE A 16 0.06 -35.60 3.04
N GLN A 17 -0.89 -35.52 3.98
CA GLN A 17 -1.61 -34.27 4.18
C GLN A 17 -0.67 -33.16 4.62
N LEU A 18 0.25 -33.45 5.53
CA LEU A 18 1.21 -32.45 5.99
C LEU A 18 2.12 -32.00 4.85
N ILE A 19 2.66 -32.96 4.09
CA ILE A 19 3.59 -32.60 3.03
C ILE A 19 2.89 -31.76 1.98
N GLN A 20 1.64 -32.10 1.65
CA GLN A 20 0.92 -31.31 0.65
C GLN A 20 0.56 -29.93 1.19
N VAL A 21 0.15 -29.84 2.46
CA VAL A 21 -0.25 -28.53 2.98
C VAL A 21 0.94 -27.58 3.04
N THR A 22 2.12 -28.07 3.45
CA THR A 22 3.29 -27.19 3.40
C THR A 22 3.70 -26.89 1.96
N MET A 23 3.70 -27.90 1.08
CA MET A 23 4.10 -27.67 -0.31
C MET A 23 3.16 -26.74 -1.04
N VAL A 24 1.94 -26.58 -0.55
CA VAL A 24 0.94 -25.74 -1.21
C VAL A 24 0.92 -24.36 -0.58
N VAL A 25 1.19 -24.28 0.74
CA VAL A 25 1.14 -23.00 1.44
C VAL A 25 2.48 -22.27 1.43
N ALA A 26 3.56 -22.91 1.00
CA ALA A 26 4.85 -22.23 0.96
C ALA A 26 4.88 -20.97 0.09
N PRO A 27 4.33 -20.94 -1.13
CA PRO A 27 4.47 -19.73 -1.96
C PRO A 27 3.71 -18.51 -1.44
N LEU A 28 3.05 -18.58 -0.29
CA LEU A 28 2.35 -17.40 0.20
C LEU A 28 3.32 -16.35 0.76
N LEU A 29 4.54 -16.76 1.12
CA LEU A 29 5.59 -15.79 1.38
C LEU A 29 5.80 -14.90 0.16
N LEU A 30 5.96 -15.52 -1.01
CA LEU A 30 6.08 -14.76 -2.24
C LEU A 30 4.79 -14.01 -2.57
N MET A 31 3.64 -14.54 -2.16
CA MET A 31 2.39 -13.80 -2.31
C MET A 31 2.47 -12.45 -1.61
N ALA A 32 2.85 -12.44 -0.34
CA ALA A 32 3.00 -11.18 0.39
C ALA A 32 4.09 -10.31 -0.24
N SER A 33 5.19 -10.94 -0.66
CA SER A 33 6.29 -10.18 -1.26
C SER A 33 5.85 -9.46 -2.51
N HIS A 34 5.13 -10.15 -3.41
CA HIS A 34 4.62 -9.50 -4.60
C HIS A 34 3.54 -8.49 -4.27
N ASN A 35 2.78 -8.72 -3.19
CA ASN A 35 1.76 -7.75 -2.80
C ASN A 35 2.38 -6.41 -2.44
N THR A 36 3.50 -6.43 -1.71
CA THR A 36 4.11 -5.19 -1.24
C THR A 36 5.30 -4.77 -2.13
N LEU A 37 5.58 -5.53 -3.19
CA LEU A 37 6.71 -5.21 -4.06
C LEU A 37 6.52 -3.89 -4.80
N GLN A 38 5.28 -3.51 -5.11
CA GLN A 38 5.07 -2.20 -5.74
C GLN A 38 5.48 -1.09 -4.78
N ASN A 39 5.17 -1.25 -3.50
CA ASN A 39 5.64 -0.30 -2.50
C ASN A 39 7.16 -0.27 -2.43
N PHE A 40 7.79 -1.44 -2.48
CA PHE A 40 9.22 -1.48 -2.21
C PHE A 40 10.08 -1.24 -3.44
N THR A 41 9.51 -1.21 -4.65
CA THR A 41 10.27 -0.96 -5.87
C THR A 41 9.85 0.32 -6.56
N ALA A 42 8.98 1.11 -5.94
CA ALA A 42 8.60 2.42 -6.46
C ALA A 42 8.99 3.53 -5.49
N ALA A 43 10.02 3.27 -4.68
CA ALA A 43 10.49 4.27 -3.74
C ALA A 43 10.98 5.51 -4.48
N ILE A 44 10.55 6.68 -4.01
CA ILE A 44 10.86 7.95 -4.66
C ILE A 44 12.11 8.53 -3.98
N PRO A 45 13.25 8.56 -4.65
CA PRO A 45 14.43 9.21 -4.08
C PRO A 45 14.40 10.70 -4.34
N PRO A 46 15.19 11.49 -3.63
CA PRO A 46 15.26 12.92 -3.91
C PRO A 46 15.71 13.17 -5.34
N HIS A 47 15.09 14.18 -5.97
CA HIS A 47 15.33 14.44 -7.38
C HIS A 47 15.15 15.92 -7.66
N HIS A 48 15.70 16.36 -8.79
CA HIS A 48 15.58 17.74 -9.22
C HIS A 48 15.85 17.81 -10.71
N CYS A 49 15.51 18.95 -11.30
CA CYS A 49 15.75 19.15 -12.73
C CYS A 49 17.24 19.07 -13.04
N ARG A 50 17.56 18.51 -14.20
CA ARG A 50 18.94 18.48 -14.66
C ARG A 50 19.21 19.72 -15.51
N PRO A 51 20.17 20.57 -15.14
CA PRO A 51 20.45 21.74 -15.95
C PRO A 51 20.92 21.35 -17.33
N PRO A 52 20.60 22.12 -18.36
CA PRO A 52 21.03 21.79 -19.72
C PRO A 52 22.53 21.90 -19.86
N ALA A 53 23.07 21.14 -20.82
CA ALA A 53 24.49 21.14 -21.13
C ALA A 53 24.95 22.41 -21.85
N ASN A 54 24.06 23.40 -22.02
CA ASN A 54 24.45 24.65 -22.64
C ASN A 54 25.51 25.38 -21.81
N ALA A 55 25.34 25.39 -20.50
CA ALA A 55 26.28 26.02 -19.57
C ALA A 55 26.91 24.95 -18.69
N ASN A 56 28.23 25.00 -18.57
CA ASN A 56 28.95 24.02 -17.77
C ASN A 56 28.64 24.19 -16.29
N LEU A 57 28.54 23.06 -15.58
CA LEU A 57 28.24 23.10 -14.15
C LEU A 57 29.44 23.50 -13.30
N SER A 58 30.66 23.45 -13.85
CA SER A 58 31.83 23.83 -13.08
C SER A 58 31.80 25.30 -12.71
N LYS A 59 31.40 26.16 -13.64
CA LYS A 59 31.29 27.59 -13.38
C LYS A 59 29.96 27.97 -12.72
N ASP A 60 29.10 27.00 -12.44
CA ASP A 60 27.85 27.24 -11.75
C ASP A 60 27.97 27.15 -10.23
N GLY A 61 29.15 26.86 -9.70
CA GLY A 61 29.33 26.75 -8.27
C GLY A 61 28.56 25.62 -7.64
N GLY A 62 28.25 24.58 -8.40
CA GLY A 62 27.44 23.48 -7.93
C GLY A 62 26.10 23.44 -8.65
N LEU A 63 25.30 22.43 -8.29
CA LEU A 63 23.99 22.23 -8.90
C LEU A 63 22.92 23.13 -8.29
N GLU A 64 23.23 23.83 -7.20
CA GLU A 64 22.23 24.64 -6.51
C GLU A 64 21.94 25.95 -7.24
N ALA A 65 22.80 26.37 -8.17
CA ALA A 65 22.59 27.65 -8.85
C ALA A 65 21.32 27.62 -9.69
N TRP A 66 21.07 26.51 -10.40
CA TRP A 66 19.92 26.38 -11.28
C TRP A 66 18.85 25.49 -10.68
N LEU A 67 18.66 25.57 -9.37
CA LEU A 67 17.65 24.75 -8.69
C LEU A 67 17.05 25.52 -7.51
N PRO A 68 15.78 25.89 -7.58
CA PRO A 68 15.14 26.54 -6.43
C PRO A 68 14.99 25.57 -5.26
N LEU A 69 15.00 26.13 -4.06
CA LEU A 69 14.97 25.35 -2.83
C LEU A 69 13.57 25.33 -2.22
N ASP A 70 13.17 24.18 -1.71
CA ASP A 70 11.83 23.97 -1.18
C ASP A 70 11.79 24.33 0.31
N LYS A 71 10.71 23.92 0.98
CA LYS A 71 10.53 24.23 2.40
C LYS A 71 11.63 23.61 3.25
N GLN A 72 12.00 22.36 2.96
CA GLN A 72 12.98 21.65 3.79
C GLN A 72 14.42 21.97 3.43
N GLY A 73 14.65 22.72 2.35
CA GLY A 73 16.00 23.05 1.92
C GLY A 73 16.51 22.23 0.76
N GLN A 74 15.81 21.17 0.38
CA GLN A 74 16.20 20.39 -0.78
C GLN A 74 15.86 21.15 -2.06
N PRO A 75 16.56 20.86 -3.15
CA PRO A 75 16.19 21.47 -4.44
C PRO A 75 14.80 21.06 -4.87
N GLU A 76 14.13 21.96 -5.59
CA GLU A 76 12.76 21.69 -6.04
C GLU A 76 12.72 20.46 -6.93
N SER A 77 11.69 19.65 -6.74
CA SER A 77 11.62 18.33 -7.37
C SER A 77 11.06 18.33 -8.78
N CYS A 78 10.51 19.45 -9.25
CA CYS A 78 9.89 19.47 -10.57
C CYS A 78 10.34 20.66 -11.41
N LEU A 79 10.71 21.77 -10.77
CA LEU A 79 10.90 23.03 -11.47
C LEU A 79 12.35 23.49 -11.36
N ARG A 80 12.75 24.33 -12.32
CA ARG A 80 14.13 24.79 -12.42
C ARG A 80 14.15 26.24 -12.89
N PHE A 81 15.27 26.90 -12.65
CA PHE A 81 15.46 28.27 -13.07
C PHE A 81 15.90 28.34 -14.52
N THR A 82 15.66 29.50 -15.14
CA THR A 82 16.03 29.70 -16.54
C THR A 82 17.45 30.22 -16.72
N SER A 83 18.12 30.59 -15.63
CA SER A 83 19.50 31.10 -15.72
C SER A 83 20.22 30.96 -14.38
N THR A 102 10.48 31.06 -15.16
CA THR A 102 11.18 29.78 -15.07
C THR A 102 10.63 28.77 -16.08
N GLU A 103 11.18 27.57 -16.06
CA GLU A 103 10.79 26.51 -16.96
C GLU A 103 10.70 25.20 -16.19
N PRO A 104 9.81 24.30 -16.58
CA PRO A 104 9.73 22.99 -15.92
C PRO A 104 10.88 22.09 -16.34
N CYS A 105 10.96 20.93 -15.68
CA CYS A 105 11.96 19.93 -16.03
C CYS A 105 11.81 19.51 -17.48
N ILE A 106 12.79 19.86 -18.31
CA ILE A 106 12.75 19.54 -19.73
C ILE A 106 13.94 18.70 -20.19
N ASP A 107 14.98 18.53 -19.36
CA ASP A 107 16.08 17.62 -19.61
C ASP A 107 16.15 16.53 -18.55
N GLY A 108 15.01 15.95 -18.21
CA GLY A 108 15.00 14.85 -17.28
C GLY A 108 15.27 15.29 -15.85
N TRP A 109 15.57 14.29 -15.02
CA TRP A 109 15.79 14.50 -13.59
C TRP A 109 17.08 13.80 -13.18
N VAL A 110 17.60 14.20 -12.01
CA VAL A 110 18.78 13.60 -11.43
C VAL A 110 18.39 12.97 -10.11
N TYR A 111 18.64 11.67 -9.98
CA TYR A 111 18.27 10.90 -8.79
C TYR A 111 19.54 10.40 -8.10
N ASP A 112 19.62 10.63 -6.79
CA ASP A 112 20.75 10.11 -6.03
C ASP A 112 20.59 8.62 -5.79
N ASN A 113 21.70 7.89 -5.88
CA ASN A 113 21.71 6.44 -5.71
C ASN A 113 22.32 6.02 -4.37
N SER A 114 22.39 6.94 -3.41
CA SER A 114 23.00 6.61 -2.12
C SER A 114 22.19 5.55 -1.37
N THR A 115 20.86 5.67 -1.40
CA THR A 115 19.98 4.75 -0.68
C THR A 115 19.25 3.78 -1.60
N PHE A 116 18.63 4.28 -2.67
CA PHE A 116 17.90 3.44 -3.61
C PHE A 116 18.59 3.47 -4.96
N PRO A 117 19.36 2.43 -5.32
CA PRO A 117 20.04 2.44 -6.63
C PRO A 117 19.10 2.69 -7.80
N SER A 118 18.03 1.93 -7.92
CA SER A 118 17.13 2.07 -9.04
C SER A 118 15.72 1.62 -8.66
N THR A 119 14.73 2.40 -9.09
CA THR A 119 13.32 2.06 -8.92
C THR A 119 12.60 2.36 -10.22
N ILE A 120 11.28 2.17 -10.22
CA ILE A 120 10.53 2.46 -11.44
C ILE A 120 10.46 3.95 -11.69
N VAL A 121 10.32 4.76 -10.63
CA VAL A 121 10.27 6.20 -10.81
C VAL A 121 11.63 6.72 -11.29
N THR A 122 12.71 6.19 -10.74
CA THR A 122 14.05 6.59 -11.19
C THR A 122 14.28 6.22 -12.65
N GLU A 123 13.83 5.03 -13.06
CA GLU A 123 14.09 4.57 -14.40
C GLU A 123 13.20 5.23 -15.45
N TRP A 124 11.98 5.61 -15.08
CA TRP A 124 11.01 6.12 -16.05
C TRP A 124 10.56 7.55 -15.79
N ASN A 125 11.23 8.26 -14.88
CA ASN A 125 10.97 9.68 -14.63
C ASN A 125 9.51 9.92 -14.24
N LEU A 126 9.02 9.09 -13.32
CA LEU A 126 7.64 9.20 -12.83
C LEU A 126 7.59 10.04 -11.55
N VAL A 127 8.05 11.29 -11.66
CA VAL A 127 8.21 12.18 -10.51
C VAL A 127 7.21 13.32 -10.53
N CYS A 128 7.28 14.17 -11.55
CA CYS A 128 6.39 15.33 -11.66
C CYS A 128 5.59 15.24 -12.95
N SER A 129 4.29 15.50 -12.84
CA SER A 129 3.33 15.40 -13.94
C SER A 129 3.11 13.95 -14.35
N HIS A 130 3.84 13.03 -13.71
CA HIS A 130 3.62 11.60 -13.83
C HIS A 130 3.53 10.93 -12.47
N ARG A 131 3.39 11.72 -11.39
CA ARG A 131 3.31 11.16 -10.05
C ARG A 131 2.10 10.25 -9.87
N ALA A 132 1.05 10.43 -10.69
CA ALA A 132 -0.13 9.59 -10.59
C ALA A 132 0.12 8.19 -11.12
N PHE A 133 1.08 8.01 -12.02
CA PHE A 133 1.29 6.70 -12.62
C PHE A 133 1.85 5.69 -11.64
N ARG A 134 2.61 6.16 -10.64
CA ARG A 134 3.14 5.25 -9.63
C ARG A 134 2.01 4.57 -8.86
N GLN A 135 0.98 5.33 -8.49
CA GLN A 135 -0.19 4.74 -7.84
C GLN A 135 -1.09 4.02 -8.84
N LEU A 136 -1.11 4.47 -10.10
CA LEU A 136 -1.95 3.83 -11.10
C LEU A 136 -1.46 2.42 -11.42
N ALA A 137 -0.15 2.18 -11.38
CA ALA A 137 0.35 0.82 -11.56
C ALA A 137 -0.14 -0.10 -10.45
N GLN A 138 -0.12 0.38 -9.20
CA GLN A 138 -0.63 -0.42 -8.09
C GLN A 138 -2.13 -0.64 -8.21
N SER A 139 -2.87 0.38 -8.66
CA SER A 139 -4.30 0.20 -8.88
C SER A 139 -4.56 -0.83 -9.98
N LEU A 140 -3.72 -0.84 -11.01
CA LEU A 140 -3.85 -1.86 -12.05
C LEU A 140 -3.57 -3.25 -11.49
N TYR A 141 -2.57 -3.36 -10.62
CA TYR A 141 -2.31 -4.65 -9.97
C TYR A 141 -3.52 -5.09 -9.13
N MET A 142 -4.16 -4.15 -8.43
CA MET A 142 -5.31 -4.51 -7.60
C MET A 142 -6.53 -4.89 -8.42
N VAL A 143 -6.78 -4.19 -9.53
CA VAL A 143 -7.90 -4.60 -10.38
C VAL A 143 -7.58 -5.95 -11.02
N GLY A 144 -6.31 -6.22 -11.29
CA GLY A 144 -5.92 -7.56 -11.68
C GLY A 144 -6.25 -8.58 -10.61
N VAL A 145 -5.95 -8.26 -9.36
CA VAL A 145 -6.27 -9.18 -8.26
C VAL A 145 -7.76 -9.47 -8.22
N LEU A 146 -8.58 -8.43 -8.32
CA LEU A 146 -10.02 -8.61 -8.23
C LEU A 146 -10.56 -9.44 -9.39
N LEU A 147 -10.19 -9.07 -10.63
CA LEU A 147 -10.66 -9.81 -11.79
C LEU A 147 -10.18 -11.24 -11.75
N GLY A 148 -8.93 -11.46 -11.33
CA GLY A 148 -8.43 -12.82 -11.22
C GLY A 148 -9.19 -13.64 -10.21
N ALA A 149 -9.42 -13.07 -9.02
CA ALA A 149 -10.19 -13.78 -8.01
C ALA A 149 -11.54 -14.21 -8.57
N MET A 150 -12.28 -13.26 -9.15
CA MET A 150 -13.62 -13.58 -9.65
C MET A 150 -13.57 -14.63 -10.77
N VAL A 151 -12.92 -14.29 -11.88
CA VAL A 151 -12.98 -15.14 -13.06
C VAL A 151 -12.29 -16.48 -12.83
N PHE A 152 -11.21 -16.51 -12.05
CA PHE A 152 -10.52 -17.77 -11.81
C PHE A 152 -11.20 -18.61 -10.75
N GLY A 153 -11.94 -18.02 -9.82
CA GLY A 153 -12.82 -18.83 -8.99
C GLY A 153 -13.90 -19.51 -9.81
N TYR A 154 -14.49 -18.76 -10.75
CA TYR A 154 -15.47 -19.36 -11.65
C TYR A 154 -14.83 -20.48 -12.47
N LEU A 155 -13.64 -20.22 -13.02
CA LEU A 155 -12.96 -21.21 -13.86
C LEU A 155 -12.49 -22.41 -13.05
N ALA A 156 -12.18 -22.22 -11.77
CA ALA A 156 -11.78 -23.35 -10.92
C ALA A 156 -12.97 -24.21 -10.56
N ASP A 157 -14.12 -23.58 -10.29
CA ASP A 157 -15.34 -24.34 -10.08
C ASP A 157 -15.72 -25.13 -11.34
N ARG A 158 -15.56 -24.51 -12.51
CA ARG A 158 -15.94 -25.17 -13.76
C ARG A 158 -14.93 -26.22 -14.22
N LEU A 159 -13.66 -26.05 -13.87
CA LEU A 159 -12.58 -26.83 -14.47
C LEU A 159 -11.84 -27.72 -13.48
N GLY A 160 -11.36 -27.17 -12.38
CA GLY A 160 -10.63 -27.95 -11.41
C GLY A 160 -9.82 -27.07 -10.48
N ARG A 161 -9.09 -27.74 -9.58
CA ARG A 161 -8.27 -27.07 -8.59
C ARG A 161 -6.78 -27.21 -8.86
N ARG A 162 -6.30 -28.43 -9.13
CA ARG A 162 -4.88 -28.62 -9.43
C ARG A 162 -4.48 -27.93 -10.73
N LYS A 163 -5.32 -28.03 -11.76
CA LYS A 163 -5.02 -27.38 -13.03
C LYS A 163 -5.00 -25.87 -12.88
N VAL A 164 -5.98 -25.33 -12.14
CA VAL A 164 -6.00 -23.89 -11.90
C VAL A 164 -4.77 -23.46 -11.12
N LEU A 165 -4.36 -24.26 -10.14
CA LEU A 165 -3.18 -23.92 -9.35
C LEU A 165 -1.91 -23.92 -10.20
N ILE A 166 -1.74 -24.93 -11.06
CA ILE A 166 -0.50 -25.00 -11.84
C ILE A 166 -0.48 -23.87 -12.87
N LEU A 167 -1.63 -23.57 -13.49
CA LEU A 167 -1.70 -22.42 -14.38
C LEU A 167 -1.43 -21.12 -13.63
N ASN A 168 -1.88 -21.04 -12.38
CA ASN A 168 -1.62 -19.86 -11.55
C ASN A 168 -0.13 -19.68 -11.33
N TYR A 169 0.56 -20.77 -10.98
CA TYR A 169 2.01 -20.69 -10.77
C TYR A 169 2.71 -20.25 -12.05
N LEU A 170 2.35 -20.86 -13.17
CA LEU A 170 3.00 -20.51 -14.44
C LEU A 170 2.77 -19.05 -14.79
N GLN A 171 1.52 -18.59 -14.67
CA GLN A 171 1.19 -17.21 -15.03
C GLN A 171 1.87 -16.24 -14.08
N THR A 172 1.92 -16.56 -12.79
CA THR A 172 2.60 -15.68 -11.84
C THR A 172 4.07 -15.52 -12.19
N ALA A 173 4.74 -16.65 -12.45
CA ALA A 173 6.17 -16.57 -12.78
C ALA A 173 6.40 -15.80 -14.08
N VAL A 174 5.59 -16.08 -15.10
CA VAL A 174 5.77 -15.40 -16.39
C VAL A 174 5.52 -13.92 -16.25
N SER A 175 4.45 -13.54 -15.55
CA SER A 175 4.13 -12.13 -15.38
C SER A 175 5.20 -11.42 -14.57
N GLY A 176 5.71 -12.06 -13.50
CA GLY A 176 6.76 -11.44 -12.72
C GLY A 176 8.00 -11.17 -13.54
N THR A 177 8.48 -12.19 -14.28
CA THR A 177 9.70 -12.02 -15.06
C THR A 177 9.51 -10.99 -16.17
N CYS A 178 8.45 -11.14 -16.95
CA CYS A 178 8.21 -10.28 -18.10
C CYS A 178 7.65 -8.92 -17.72
N ALA A 179 7.36 -8.67 -16.44
CA ALA A 179 7.11 -7.33 -15.94
C ALA A 179 8.34 -6.69 -15.34
N ALA A 180 9.24 -7.49 -14.75
CA ALA A 180 10.52 -6.95 -14.32
C ALA A 180 11.37 -6.54 -15.51
N TYR A 181 11.26 -7.25 -16.63
CA TYR A 181 11.95 -6.87 -17.86
C TYR A 181 11.09 -6.03 -18.79
N ALA A 182 10.18 -5.24 -18.24
CA ALA A 182 9.31 -4.40 -19.05
C ALA A 182 10.10 -3.25 -19.65
N PRO A 183 10.03 -3.01 -20.96
CA PRO A 183 10.76 -1.87 -21.54
C PRO A 183 10.05 -0.55 -21.35
N ASN A 184 8.72 -0.57 -21.39
CA ASN A 184 7.90 0.63 -21.25
C ASN A 184 7.11 0.55 -19.95
N TYR A 185 6.24 1.52 -19.74
CA TYR A 185 5.41 1.55 -18.53
C TYR A 185 4.06 0.86 -18.74
N THR A 186 3.48 0.98 -19.94
CA THR A 186 2.22 0.30 -20.20
C THR A 186 2.38 -1.22 -20.13
N VAL A 187 3.50 -1.73 -20.65
CA VAL A 187 3.79 -3.15 -20.54
C VAL A 187 3.89 -3.56 -19.08
N TYR A 188 4.55 -2.74 -18.26
CA TYR A 188 4.68 -3.03 -16.84
C TYR A 188 3.32 -3.07 -16.15
N CYS A 189 2.46 -2.10 -16.45
CA CYS A 189 1.15 -2.07 -15.79
C CYS A 189 0.28 -3.25 -16.22
N VAL A 190 0.30 -3.59 -17.51
CA VAL A 190 -0.49 -4.73 -17.98
C VAL A 190 -0.01 -6.03 -17.36
N PHE A 191 1.32 -6.21 -17.28
CA PHE A 191 1.83 -7.45 -16.72
C PHE A 191 1.65 -7.51 -15.21
N ARG A 192 1.64 -6.36 -14.53
CA ARG A 192 1.26 -6.35 -13.12
C ARG A 192 -0.21 -6.71 -12.94
N LEU A 193 -1.06 -6.24 -13.87
CA LEU A 193 -2.46 -6.67 -13.89
C LEU A 193 -2.56 -8.19 -13.97
N LEU A 194 -1.82 -8.79 -14.89
CA LEU A 194 -1.85 -10.25 -15.02
C LEU A 194 -1.29 -10.95 -13.78
N SER A 195 -0.23 -10.38 -13.20
CA SER A 195 0.35 -10.97 -12.00
C SER A 195 -0.63 -10.94 -10.84
N GLY A 196 -1.38 -9.84 -10.69
CA GLY A 196 -2.39 -9.77 -9.65
C GLY A 196 -3.51 -10.77 -9.87
N MET A 197 -3.95 -10.90 -11.14
CA MET A 197 -4.85 -11.98 -11.53
C MET A 197 -4.41 -13.32 -10.95
N SER A 198 -3.20 -13.73 -11.37
CA SER A 198 -2.69 -15.04 -10.99
C SER A 198 -2.53 -15.16 -9.48
N LEU A 199 -2.11 -14.08 -8.81
CA LEU A 199 -1.82 -14.17 -7.38
C LEU A 199 -3.08 -14.31 -6.55
N ALA A 200 -4.11 -13.52 -6.86
CA ALA A 200 -5.38 -13.70 -6.16
C ALA A 200 -5.93 -15.10 -6.39
N SER A 201 -5.83 -15.57 -7.64
CA SER A 201 -6.33 -16.91 -7.93
C SER A 201 -5.58 -17.98 -7.13
N ILE A 202 -4.25 -17.88 -7.07
CA ILE A 202 -3.48 -18.90 -6.37
C ILE A 202 -3.76 -18.86 -4.88
N ALA A 203 -3.91 -17.67 -4.30
CA ALA A 203 -4.22 -17.59 -2.88
C ALA A 203 -5.56 -18.24 -2.56
N ILE A 204 -6.60 -17.88 -3.33
CA ILE A 204 -7.92 -18.42 -3.01
C ILE A 204 -7.97 -19.92 -3.24
N ASN A 205 -7.35 -20.41 -4.33
CA ASN A 205 -7.38 -21.84 -4.58
C ASN A 205 -6.49 -22.61 -3.62
N CYS A 206 -5.40 -22.00 -3.17
CA CYS A 206 -4.57 -22.59 -2.12
C CYS A 206 -5.38 -22.84 -0.86
N MET A 207 -6.09 -21.81 -0.38
CA MET A 207 -6.83 -22.01 0.85
C MET A 207 -7.98 -23.00 0.63
N THR A 208 -8.62 -22.94 -0.54
CA THR A 208 -9.74 -23.85 -0.83
C THR A 208 -9.27 -25.30 -0.85
N LEU A 209 -8.19 -25.59 -1.57
CA LEU A 209 -7.68 -26.96 -1.64
C LEU A 209 -7.21 -27.45 -0.29
N ASN A 210 -6.53 -26.59 0.48
CA ASN A 210 -6.07 -27.01 1.80
C ASN A 210 -7.25 -27.35 2.71
N VAL A 211 -8.33 -26.57 2.65
CA VAL A 211 -9.52 -26.92 3.41
C VAL A 211 -10.14 -28.23 2.91
N GLU A 212 -10.20 -28.40 1.58
CA GLU A 212 -10.92 -29.55 1.03
C GLU A 212 -10.22 -30.87 1.35
N TRP A 213 -8.88 -30.89 1.29
CA TRP A 213 -8.18 -32.14 1.53
C TRP A 213 -7.91 -32.42 3.00
N MET A 214 -8.18 -31.47 3.89
CA MET A 214 -7.95 -31.71 5.30
C MET A 214 -9.25 -32.08 6.00
N PRO A 215 -9.20 -32.83 7.09
CA PRO A 215 -10.41 -33.15 7.85
C PRO A 215 -10.99 -31.91 8.51
N ILE A 216 -12.19 -32.08 9.07
CA ILE A 216 -12.87 -30.97 9.72
C ILE A 216 -12.11 -30.50 10.95
N HIS A 217 -11.48 -31.42 11.68
CA HIS A 217 -10.83 -31.07 12.93
C HIS A 217 -9.65 -30.12 12.76
N THR A 218 -9.09 -30.00 11.55
CA THR A 218 -7.83 -29.30 11.36
C THR A 218 -7.97 -28.02 10.52
N ARG A 219 -9.20 -27.58 10.25
CA ARG A 219 -9.38 -26.36 9.47
C ARG A 219 -8.86 -25.13 10.21
N ALA A 220 -9.09 -25.07 11.53
CA ALA A 220 -8.54 -23.97 12.32
C ALA A 220 -7.02 -23.98 12.32
N TYR A 221 -6.42 -25.16 12.42
CA TYR A 221 -4.97 -25.27 12.35
C TYR A 221 -4.46 -24.79 10.99
N VAL A 222 -5.18 -25.13 9.92
CA VAL A 222 -4.80 -24.69 8.58
C VAL A 222 -4.85 -23.17 8.49
N GLY A 223 -5.91 -22.56 9.02
CA GLY A 223 -6.00 -21.11 9.00
C GLY A 223 -4.89 -20.44 9.80
N THR A 224 -4.59 -20.98 10.98
CA THR A 224 -3.50 -20.44 11.78
C THR A 224 -2.18 -20.57 11.04
N LEU A 225 -1.96 -21.70 10.37
CA LEU A 225 -0.76 -21.89 9.59
C LEU A 225 -0.66 -20.88 8.45
N ILE A 226 -1.78 -20.59 7.79
CA ILE A 226 -1.75 -19.65 6.67
C ILE A 226 -1.46 -18.24 7.19
N GLY A 227 -1.98 -17.89 8.36
CA GLY A 227 -1.63 -16.60 8.95
C GLY A 227 -0.16 -16.51 9.31
N TYR A 228 0.39 -17.57 9.91
CA TYR A 228 1.81 -17.60 10.21
C TYR A 228 2.64 -17.49 8.95
N VAL A 229 2.19 -18.15 7.87
CA VAL A 229 2.92 -18.10 6.61
C VAL A 229 2.92 -16.69 6.04
N TYR A 230 1.78 -16.00 6.07
N TYR A 230 1.79 -15.99 6.10
CA TYR A 230 1.74 -14.62 5.60
CA TYR A 230 1.73 -14.62 5.60
C TYR A 230 2.68 -13.73 6.40
C TYR A 230 2.66 -13.71 6.42
N SER A 231 2.67 -13.86 7.74
CA SER A 231 3.58 -13.07 8.57
C SER A 231 5.04 -13.34 8.22
N LEU A 232 5.39 -14.63 8.09
CA LEU A 232 6.75 -14.98 7.73
C LEU A 232 7.10 -14.48 6.34
N GLY A 233 6.12 -14.40 5.44
CA GLY A 233 6.36 -13.85 4.12
C GLY A 233 6.64 -12.37 4.15
N GLN A 234 5.92 -11.64 5.02
CA GLN A 234 6.26 -10.23 5.23
C GLN A 234 7.71 -10.09 5.71
N PHE A 235 8.09 -10.92 6.69
CA PHE A 235 9.47 -10.88 7.18
C PHE A 235 10.46 -11.20 6.05
N LEU A 236 10.14 -12.21 5.24
CA LEU A 236 11.01 -12.62 4.13
C LEU A 236 11.15 -11.52 3.09
N LEU A 237 10.05 -10.82 2.79
CA LEU A 237 10.14 -9.68 1.89
C LEU A 237 11.07 -8.62 2.45
N ALA A 238 10.95 -8.32 3.74
CA ALA A 238 11.87 -7.36 4.35
C ALA A 238 13.31 -7.80 4.17
N GLY A 239 13.60 -9.07 4.47
CA GLY A 239 14.98 -9.55 4.40
C GLY A 239 15.54 -9.54 2.99
N ILE A 240 14.77 -10.06 2.03
CA ILE A 240 15.24 -10.10 0.64
C ILE A 240 15.41 -8.70 0.09
N ALA A 241 14.45 -7.81 0.36
CA ALA A 241 14.56 -6.43 -0.11
C ALA A 241 15.76 -5.73 0.50
N TYR A 242 16.13 -6.08 1.74
CA TYR A 242 17.40 -5.60 2.27
C TYR A 242 18.57 -6.18 1.49
N ALA A 243 18.47 -7.45 1.10
CA ALA A 243 19.58 -8.10 0.39
C ALA A 243 19.73 -7.53 -1.02
N VAL A 244 18.64 -7.40 -1.76
CA VAL A 244 18.67 -6.97 -3.15
C VAL A 244 18.18 -5.52 -3.19
N PRO A 245 19.04 -4.57 -3.55
CA PRO A 245 18.62 -3.15 -3.52
C PRO A 245 17.93 -2.70 -4.80
N HIS A 246 18.21 -3.36 -5.92
CA HIS A 246 17.66 -2.93 -7.21
C HIS A 246 16.16 -3.23 -7.26
N TRP A 247 15.55 -2.94 -8.40
CA TRP A 247 14.15 -3.24 -8.62
C TRP A 247 13.90 -4.34 -9.64
N ARG A 248 14.62 -4.32 -10.77
CA ARG A 248 14.54 -5.46 -11.69
C ARG A 248 15.06 -6.73 -11.03
N HIS A 249 16.20 -6.63 -10.34
CA HIS A 249 16.76 -7.78 -9.66
C HIS A 249 15.88 -8.22 -8.49
N LEU A 250 15.27 -7.26 -7.79
CA LEU A 250 14.37 -7.63 -6.70
C LEU A 250 13.16 -8.38 -7.23
N GLN A 251 12.56 -7.88 -8.32
CA GLN A 251 11.41 -8.57 -8.89
C GLN A 251 11.79 -9.95 -9.42
N LEU A 252 12.97 -10.07 -10.02
CA LEU A 252 13.44 -11.38 -10.46
C LEU A 252 13.59 -12.34 -9.27
N VAL A 253 14.29 -11.90 -8.23
CA VAL A 253 14.55 -12.78 -7.09
C VAL A 253 13.29 -13.07 -6.30
N VAL A 254 12.23 -12.27 -6.50
CA VAL A 254 10.96 -12.54 -5.82
C VAL A 254 10.03 -13.42 -6.66
N SER A 255 10.09 -13.32 -7.99
CA SER A 255 9.18 -14.06 -8.86
C SER A 255 9.74 -15.36 -9.40
N VAL A 256 11.07 -15.49 -9.50
CA VAL A 256 11.66 -16.73 -10.03
C VAL A 256 11.28 -17.96 -9.22
N PRO A 257 11.29 -17.93 -7.88
CA PRO A 257 10.88 -19.14 -7.14
C PRO A 257 9.48 -19.63 -7.47
N PHE A 258 8.61 -18.77 -8.01
CA PHE A 258 7.34 -19.25 -8.52
C PHE A 258 7.55 -20.19 -9.72
N PHE A 259 8.65 -20.04 -10.45
CA PHE A 259 8.92 -20.96 -11.55
C PHE A 259 9.22 -22.36 -11.03
N ILE A 260 10.05 -22.48 -9.99
CA ILE A 260 10.29 -23.79 -9.40
C ILE A 260 9.03 -24.29 -8.71
N ALA A 261 8.19 -23.37 -8.21
CA ALA A 261 6.91 -23.77 -7.66
C ALA A 261 6.03 -24.43 -8.72
N PHE A 262 5.97 -23.82 -9.91
CA PHE A 262 5.26 -24.45 -11.02
C PHE A 262 5.91 -25.77 -11.42
N ILE A 263 7.24 -25.86 -11.33
CA ILE A 263 7.94 -27.07 -11.70
C ILE A 263 7.53 -28.22 -10.80
N TYR A 264 7.50 -27.98 -9.49
CA TYR A 264 7.18 -29.06 -8.55
C TYR A 264 5.69 -29.20 -8.27
N SER A 265 4.85 -28.28 -8.74
CA SER A 265 3.42 -28.33 -8.46
C SER A 265 2.67 -29.37 -9.27
N TRP A 266 3.34 -30.05 -10.21
CA TRP A 266 2.69 -31.16 -10.91
C TRP A 266 2.51 -32.38 -10.03
N PHE A 267 3.18 -32.45 -8.88
CA PHE A 267 3.06 -33.56 -7.96
C PHE A 267 1.83 -33.45 -7.06
N PHE A 268 1.10 -32.35 -7.13
CA PHE A 268 -0.06 -32.15 -6.27
C PHE A 268 -1.14 -33.18 -6.56
N ILE A 269 -1.99 -33.41 -5.56
CA ILE A 269 -3.15 -34.27 -5.70
C ILE A 269 -4.39 -33.42 -5.48
N GLU A 270 -5.26 -33.36 -6.48
CA GLU A 270 -6.44 -32.52 -6.41
C GLU A 270 -7.45 -33.07 -5.42
N SER A 271 -8.35 -32.19 -4.96
CA SER A 271 -9.31 -32.56 -3.95
C SER A 271 -10.32 -33.56 -4.49
N ALA A 272 -10.51 -34.66 -3.75
CA ALA A 272 -11.50 -35.66 -4.13
C ALA A 272 -12.93 -35.17 -3.89
N ARG A 273 -13.12 -34.21 -2.98
CA ARG A 273 -14.44 -33.65 -2.74
C ARG A 273 -14.97 -32.98 -4.01
N TRP A 274 -14.11 -32.25 -4.72
CA TRP A 274 -14.52 -31.64 -5.97
C TRP A 274 -14.87 -32.70 -7.02
N TYR A 275 -14.09 -33.79 -7.07
CA TYR A 275 -14.41 -34.88 -7.98
C TYR A 275 -15.80 -35.44 -7.69
N SER A 276 -16.10 -35.67 -6.41
CA SER A 276 -17.42 -36.18 -6.04
C SER A 276 -18.51 -35.18 -6.40
N SER A 277 -18.25 -33.89 -6.20
CA SER A 277 -19.21 -32.86 -6.60
C SER A 277 -19.36 -32.75 -8.11
N SER A 278 -18.39 -33.26 -8.87
CA SER A 278 -18.43 -33.18 -10.32
C SER A 278 -19.20 -34.34 -10.96
N GLY A 279 -19.72 -35.27 -10.17
CA GLY A 279 -20.47 -36.39 -10.69
C GLY A 279 -19.64 -37.56 -11.16
N ARG A 280 -18.33 -37.53 -10.97
CA ARG A 280 -17.44 -38.62 -11.36
C ARG A 280 -16.82 -39.22 -10.10
N LEU A 281 -16.97 -40.54 -9.94
CA LEU A 281 -16.53 -41.21 -8.73
C LEU A 281 -15.31 -42.11 -8.92
N ASP A 282 -15.05 -42.57 -10.14
CA ASP A 282 -13.88 -43.40 -10.37
C ASP A 282 -12.59 -42.64 -10.08
N LEU A 283 -12.54 -41.36 -10.47
CA LEU A 283 -11.38 -40.54 -10.16
C LEU A 283 -11.25 -40.32 -8.65
N THR A 284 -12.38 -40.15 -7.96
CA THR A 284 -12.34 -40.04 -6.50
C THR A 284 -11.75 -41.29 -5.87
N LEU A 285 -12.20 -42.45 -6.33
CA LEU A 285 -11.69 -43.73 -5.82
C LEU A 285 -10.19 -43.87 -6.09
N ARG A 286 -9.76 -43.51 -7.31
CA ARG A 286 -8.35 -43.56 -7.65
C ARG A 286 -7.53 -42.65 -6.75
N ALA A 287 -8.02 -41.43 -6.51
CA ALA A 287 -7.31 -40.51 -5.63
C ALA A 287 -7.26 -41.03 -4.20
N LEU A 288 -8.34 -41.68 -3.76
CA LEU A 288 -8.36 -42.23 -2.40
C LEU A 288 -7.28 -43.30 -2.21
N GLN A 289 -7.18 -44.26 -3.14
CA GLN A 289 -6.07 -45.19 -2.92
C GLN A 289 -4.72 -44.61 -3.28
N ARG A 290 -4.65 -43.54 -4.07
CA ARG A 290 -3.38 -42.84 -4.22
C ARG A 290 -2.91 -42.28 -2.88
N VAL A 291 -3.82 -41.61 -2.16
CA VAL A 291 -3.50 -41.13 -0.82
C VAL A 291 -3.17 -42.28 0.11
N ALA A 292 -3.90 -43.39 -0.02
CA ALA A 292 -3.63 -44.55 0.82
C ALA A 292 -2.22 -45.08 0.61
N ARG A 293 -1.78 -45.16 -0.65
CA ARG A 293 -0.43 -45.60 -0.94
C ARG A 293 0.59 -44.60 -0.41
N ILE A 294 0.33 -43.31 -0.57
CA ILE A 294 1.24 -42.30 -0.04
C ILE A 294 1.27 -42.36 1.48
N ASN A 295 0.10 -42.50 2.11
CA ASN A 295 0.03 -42.54 3.57
C ASN A 295 0.55 -43.84 4.16
N GLY A 296 0.71 -44.88 3.35
CA GLY A 296 1.27 -46.14 3.81
C GLY A 296 0.25 -47.19 4.21
N LYS A 297 -1.02 -46.82 4.38
CA LYS A 297 -2.06 -47.77 4.73
C LYS A 297 -2.70 -48.28 3.45
N GLN A 298 -2.50 -49.57 3.15
CA GLN A 298 -2.99 -50.18 1.93
C GLN A 298 -4.31 -50.91 2.10
N GLU A 299 -4.48 -51.63 3.21
CA GLU A 299 -5.72 -52.38 3.42
C GLU A 299 -6.91 -51.44 3.60
N GLU A 300 -6.70 -50.30 4.25
CA GLU A 300 -7.80 -49.34 4.44
C GLU A 300 -8.28 -48.80 3.09
N GLY A 301 -7.35 -48.49 2.19
CA GLY A 301 -7.74 -48.09 0.85
C GLY A 301 -8.37 -49.21 0.06
N ALA A 302 -7.89 -50.44 0.27
CA ALA A 302 -8.47 -51.60 -0.42
C ALA A 302 -9.90 -51.85 0.03
N LYS A 303 -10.24 -51.48 1.27
CA LYS A 303 -11.61 -51.62 1.74
C LYS A 303 -12.56 -50.75 0.93
N LEU A 304 -12.08 -49.64 0.38
CA LEU A 304 -12.90 -48.80 -0.46
C LEU A 304 -13.18 -49.46 -1.80
N SER A 305 -14.37 -49.21 -2.34
CA SER A 305 -14.78 -49.78 -3.61
C SER A 305 -15.86 -48.87 -4.21
N ILE A 306 -16.30 -49.22 -5.43
CA ILE A 306 -17.27 -48.39 -6.14
C ILE A 306 -18.58 -48.32 -5.34
N GLU A 307 -19.03 -49.45 -4.80
CA GLU A 307 -20.30 -49.48 -4.10
C GLU A 307 -20.28 -48.60 -2.85
N VAL A 308 -19.17 -48.61 -2.11
CA VAL A 308 -19.12 -47.88 -0.86
C VAL A 308 -19.07 -46.37 -1.06
N LEU A 309 -18.72 -45.91 -2.26
CA LEU A 309 -18.62 -44.47 -2.49
C LEU A 309 -19.98 -43.78 -2.44
N ARG A 310 -20.97 -44.33 -3.16
CA ARG A 310 -22.29 -43.71 -3.15
C ARG A 310 -23.00 -43.93 -1.83
N THR A 311 -22.72 -45.04 -1.14
CA THR A 311 -23.30 -45.27 0.18
C THR A 311 -22.69 -44.36 1.25
N SER A 312 -21.61 -43.64 0.92
CA SER A 312 -20.99 -42.71 1.84
C SER A 312 -21.24 -41.25 1.51
N LEU A 313 -21.48 -40.93 0.24
CA LEU A 313 -21.71 -39.55 -0.18
C LEU A 313 -23.07 -39.39 -0.85
N GLN A 314 -24.08 -40.14 -0.38
CA GLN A 314 -25.43 -39.96 -0.92
C GLN A 314 -25.97 -38.58 -0.62
N LYS A 315 -25.72 -38.08 0.59
CA LYS A 315 -26.15 -36.74 0.95
C LYS A 315 -25.38 -35.67 0.18
N GLU A 316 -24.06 -35.88 0.03
CA GLU A 316 -23.24 -34.89 -0.65
C GLU A 316 -23.53 -34.85 -2.15
N LEU A 317 -23.66 -36.03 -2.78
CA LEU A 317 -23.93 -36.07 -4.21
C LEU A 317 -25.30 -35.48 -4.53
N THR A 318 -26.31 -35.79 -3.72
CA THR A 318 -27.65 -35.27 -3.93
C THR A 318 -27.78 -33.85 -3.41
N SER A 325 -26.59 -17.55 -4.88
CA SER A 325 -26.10 -16.56 -5.82
C SER A 325 -26.32 -15.14 -5.29
N ALA A 326 -25.83 -14.14 -6.04
CA ALA A 326 -26.01 -12.75 -5.63
C ALA A 326 -27.47 -12.34 -5.66
N MET A 327 -28.25 -12.87 -6.60
CA MET A 327 -29.66 -12.50 -6.70
C MET A 327 -30.40 -12.82 -5.40
N GLU A 328 -30.46 -14.11 -5.04
CA GLU A 328 -31.15 -14.51 -3.81
C GLU A 328 -30.55 -13.82 -2.60
N LEU A 329 -29.28 -13.42 -2.67
CA LEU A 329 -28.68 -12.64 -1.61
C LEU A 329 -29.32 -11.25 -1.51
N LEU A 330 -29.64 -10.63 -2.65
CA LEU A 330 -30.16 -9.27 -2.62
C LEU A 330 -31.69 -9.19 -2.60
N ARG A 331 -32.40 -10.31 -2.79
CA ARG A 331 -33.86 -10.24 -2.72
C ARG A 331 -34.35 -9.91 -1.32
N CYS A 332 -33.81 -10.59 -0.31
CA CYS A 332 -34.30 -10.42 1.05
C CYS A 332 -33.85 -9.07 1.61
N PRO A 333 -34.76 -8.28 2.20
CA PRO A 333 -34.39 -6.92 2.62
C PRO A 333 -33.47 -6.87 3.83
N THR A 334 -33.78 -7.64 4.89
CA THR A 334 -32.90 -7.67 6.04
C THR A 334 -31.56 -8.31 5.69
N LEU A 335 -31.58 -9.33 4.84
CA LEU A 335 -30.35 -9.90 4.32
C LEU A 335 -29.57 -8.87 3.50
N ARG A 336 -30.29 -8.03 2.75
CA ARG A 336 -29.64 -6.97 2.00
C ARG A 336 -28.97 -5.97 2.92
N HIS A 337 -29.63 -5.60 4.03
CA HIS A 337 -29.03 -4.66 4.98
C HIS A 337 -27.79 -5.28 5.65
N LEU A 338 -27.89 -6.56 6.03
CA LEU A 338 -26.72 -7.24 6.60
C LEU A 338 -25.58 -7.28 5.61
N PHE A 339 -25.88 -7.58 4.34
CA PHE A 339 -24.85 -7.61 3.31
C PHE A 339 -24.22 -6.24 3.12
N LEU A 340 -25.03 -5.18 3.13
CA LEU A 340 -24.48 -3.83 2.98
C LEU A 340 -23.55 -3.50 4.14
N CYS A 341 -23.95 -3.85 5.36
CA CYS A 341 -23.12 -3.59 6.53
C CYS A 341 -21.78 -4.33 6.43
N LEU A 342 -21.84 -5.62 6.10
CA LEU A 342 -20.62 -6.42 6.05
C LEU A 342 -19.73 -5.99 4.88
N SER A 343 -20.34 -5.62 3.75
CA SER A 343 -19.57 -5.13 2.62
C SER A 343 -18.86 -3.83 2.96
N MET A 344 -19.54 -2.92 3.66
CA MET A 344 -18.89 -1.69 4.10
C MET A 344 -17.73 -2.00 5.04
N LEU A 345 -17.93 -2.96 5.95
CA LEU A 345 -16.86 -3.32 6.88
C LEU A 345 -15.64 -3.85 6.13
N TRP A 346 -15.86 -4.79 5.19
CA TRP A 346 -14.76 -5.36 4.43
C TRP A 346 -14.05 -4.29 3.61
N PHE A 347 -14.84 -3.45 2.93
CA PHE A 347 -14.27 -2.38 2.11
C PHE A 347 -13.39 -1.46 2.93
N ALA A 348 -13.91 -0.99 4.08
CA ALA A 348 -13.15 -0.08 4.90
C ALA A 348 -11.90 -0.73 5.45
N THR A 349 -12.00 -1.99 5.90
CA THR A 349 -10.85 -2.66 6.48
C THR A 349 -9.73 -2.78 5.45
N SER A 350 -10.03 -3.31 4.27
CA SER A 350 -8.98 -3.47 3.27
C SER A 350 -8.48 -2.12 2.76
N PHE A 351 -9.38 -1.15 2.61
CA PHE A 351 -9.00 0.17 2.15
C PHE A 351 -7.99 0.81 3.09
N ALA A 352 -8.30 0.82 4.40
CA ALA A 352 -7.38 1.39 5.37
C ALA A 352 -6.08 0.59 5.44
N TYR A 353 -6.18 -0.75 5.39
CA TYR A 353 -4.98 -1.57 5.51
C TYR A 353 -4.01 -1.30 4.38
N TYR A 354 -4.49 -1.24 3.14
CA TYR A 354 -3.60 -1.02 2.01
C TYR A 354 -3.29 0.45 1.79
N GLY A 355 -4.03 1.36 2.43
CA GLY A 355 -3.58 2.74 2.45
C GLY A 355 -2.48 2.99 3.46
N LEU A 356 -2.45 2.20 4.53
CA LEU A 356 -1.41 2.35 5.55
C LEU A 356 -0.15 1.56 5.24
N VAL A 357 -0.29 0.36 4.68
CA VAL A 357 0.87 -0.50 4.46
C VAL A 357 1.81 0.10 3.43
N MET A 358 1.27 0.74 2.39
CA MET A 358 2.05 1.23 1.26
C MET A 358 2.41 2.70 1.38
N ASP A 359 2.69 3.18 2.59
CA ASP A 359 3.16 4.53 2.82
C ASP A 359 4.40 4.51 3.71
N LEU A 360 5.27 3.53 3.49
CA LEU A 360 6.47 3.39 4.30
C LEU A 360 7.53 4.45 4.00
N GLN A 361 7.40 5.17 2.88
CA GLN A 361 8.39 6.19 2.54
C GLN A 361 8.35 7.35 3.53
N GLY A 362 7.17 7.72 4.01
CA GLY A 362 7.02 8.92 4.81
C GLY A 362 7.13 8.72 6.30
N PHE A 363 7.71 7.61 6.73
CA PHE A 363 7.90 7.34 8.15
C PHE A 363 9.27 7.78 8.66
N GLY A 364 10.13 8.31 7.79
CA GLY A 364 11.42 8.81 8.21
C GLY A 364 12.43 7.76 8.61
N VAL A 365 12.11 6.48 8.43
CA VAL A 365 13.00 5.39 8.79
C VAL A 365 13.15 4.49 7.57
N SER A 366 14.25 3.75 7.54
CA SER A 366 14.49 2.81 6.44
C SER A 366 13.36 1.79 6.36
N MET A 367 12.96 1.47 5.12
CA MET A 367 11.81 0.59 4.93
C MET A 367 12.06 -0.81 5.49
N TYR A 368 13.32 -1.24 5.52
CA TYR A 368 13.61 -2.59 5.98
C TYR A 368 13.23 -2.79 7.44
N LEU A 369 13.62 -1.83 8.29
CA LEU A 369 13.33 -1.96 9.72
C LEU A 369 11.84 -1.88 10.00
N ILE A 370 11.13 -0.96 9.35
CA ILE A 370 9.70 -0.84 9.59
C ILE A 370 8.96 -2.07 9.07
N GLN A 371 9.38 -2.62 7.93
CA GLN A 371 8.76 -3.84 7.44
C GLN A 371 9.02 -5.02 8.39
N VAL A 372 10.24 -5.12 8.91
CA VAL A 372 10.56 -6.19 9.86
C VAL A 372 9.69 -6.06 11.10
N ILE A 373 9.55 -4.85 11.63
CA ILE A 373 8.75 -4.68 12.84
C ILE A 373 7.27 -4.88 12.55
N PHE A 374 6.82 -4.57 11.33
CA PHE A 374 5.44 -4.90 10.94
C PHE A 374 5.22 -6.41 10.99
N GLY A 375 6.13 -7.17 10.39
CA GLY A 375 6.02 -8.62 10.43
C GLY A 375 6.07 -9.16 11.84
N ALA A 376 6.89 -8.55 12.69
CA ALA A 376 6.96 -8.97 14.08
C ALA A 376 5.65 -8.69 14.82
N VAL A 377 5.05 -7.51 14.60
CA VAL A 377 3.83 -7.13 15.30
C VAL A 377 2.58 -7.78 14.74
N ASP A 378 2.67 -8.41 13.56
CA ASP A 378 1.50 -9.05 12.98
C ASP A 378 0.92 -10.13 13.89
N LEU A 379 1.77 -10.90 14.57
CA LEU A 379 1.33 -12.07 15.32
C LEU A 379 0.73 -11.74 16.69
N PRO A 380 1.36 -10.89 17.52
CA PRO A 380 0.73 -10.56 18.81
C PRO A 380 -0.64 -9.93 18.66
N ALA A 381 -0.87 -9.20 17.57
CA ALA A 381 -2.21 -8.70 17.29
C ALA A 381 -3.19 -9.84 17.12
N LYS A 382 -2.78 -10.89 16.41
CA LYS A 382 -3.65 -12.07 16.26
C LYS A 382 -3.92 -12.72 17.61
N PHE A 383 -2.90 -12.84 18.46
CA PHE A 383 -3.10 -13.40 19.78
C PHE A 383 -4.12 -12.59 20.58
N VAL A 384 -3.91 -11.27 20.67
CA VAL A 384 -4.82 -10.40 21.42
C VAL A 384 -6.23 -10.48 20.87
N CYS A 385 -6.36 -10.47 19.54
CA CYS A 385 -7.68 -10.55 18.92
C CYS A 385 -8.38 -11.85 19.28
N PHE A 386 -7.64 -12.97 19.24
CA PHE A 386 -8.22 -14.25 19.64
C PHE A 386 -8.66 -14.22 21.10
N LEU A 387 -7.83 -13.65 21.97
CA LEU A 387 -8.20 -13.57 23.39
C LEU A 387 -9.51 -12.81 23.57
N VAL A 388 -9.63 -11.64 22.94
CA VAL A 388 -10.81 -10.82 23.18
C VAL A 388 -12.05 -11.47 22.57
N ILE A 389 -11.92 -12.07 21.38
CA ILE A 389 -13.11 -12.63 20.73
C ILE A 389 -13.59 -13.88 21.47
N ASN A 390 -12.67 -14.75 21.89
CA ASN A 390 -13.09 -15.97 22.55
C ASN A 390 -13.33 -15.81 24.04
N SER A 391 -12.93 -14.69 24.64
CA SER A 391 -13.14 -14.46 26.07
C SER A 391 -14.07 -13.29 26.33
N MET A 392 -13.78 -12.12 25.77
CA MET A 392 -14.56 -10.92 26.07
C MET A 392 -15.77 -10.78 25.15
N GLY A 393 -15.54 -10.72 23.85
CA GLY A 393 -16.63 -10.58 22.91
C GLY A 393 -16.11 -10.28 21.53
N ARG A 394 -17.02 -10.34 20.56
CA ARG A 394 -16.71 -10.13 19.16
C ARG A 394 -16.97 -8.69 18.71
N ARG A 395 -18.16 -8.17 18.98
CA ARG A 395 -18.46 -6.78 18.64
C ARG A 395 -17.55 -5.79 19.35
N PRO A 396 -17.28 -5.90 20.66
CA PRO A 396 -16.28 -5.01 21.26
C PRO A 396 -14.92 -5.13 20.64
N ALA A 397 -14.51 -6.34 20.24
CA ALA A 397 -13.21 -6.52 19.59
C ALA A 397 -13.17 -5.77 18.26
N GLN A 398 -14.19 -5.96 17.43
CA GLN A 398 -14.25 -5.25 16.16
C GLN A 398 -14.24 -3.75 16.36
N MET A 399 -15.06 -3.27 17.30
CA MET A 399 -15.16 -1.83 17.54
C MET A 399 -13.82 -1.26 17.99
N ALA A 400 -13.21 -1.86 19.01
CA ALA A 400 -11.93 -1.40 19.51
C ALA A 400 -10.89 -1.39 18.40
N SER A 401 -10.73 -2.52 17.71
CA SER A 401 -9.70 -2.62 16.69
C SER A 401 -9.89 -1.57 15.60
N LEU A 402 -11.09 -1.51 15.01
CA LEU A 402 -11.31 -0.61 13.88
C LEU A 402 -11.20 0.85 14.29
N LEU A 403 -11.92 1.24 15.35
CA LEU A 403 -11.92 2.65 15.75
C LEU A 403 -10.54 3.10 16.21
N LEU A 404 -9.85 2.28 17.01
CA LEU A 404 -8.55 2.67 17.51
C LEU A 404 -7.53 2.73 16.37
N ALA A 405 -7.59 1.81 15.42
CA ALA A 405 -6.70 1.86 14.27
C ALA A 405 -6.94 3.11 13.45
N GLY A 406 -8.21 3.44 13.20
CA GLY A 406 -8.53 4.63 12.43
C GLY A 406 -8.07 5.90 13.13
N ILE A 407 -8.30 6.00 14.43
CA ILE A 407 -7.85 7.16 15.19
C ILE A 407 -6.33 7.26 15.16
N CYS A 408 -5.65 6.13 15.33
CA CYS A 408 -4.18 6.14 15.33
C CYS A 408 -3.63 6.61 13.99
N ILE A 409 -4.17 6.09 12.89
CA ILE A 409 -3.62 6.50 11.59
C ILE A 409 -3.99 7.94 11.28
N LEU A 410 -5.18 8.39 11.69
CA LEU A 410 -5.57 9.79 11.48
C LEU A 410 -4.64 10.74 12.24
N VAL A 411 -4.35 10.43 13.50
CA VAL A 411 -3.47 11.30 14.27
C VAL A 411 -2.03 11.17 13.80
N ASN A 412 -1.67 10.02 13.22
CA ASN A 412 -0.37 9.90 12.56
C ASN A 412 -0.28 10.84 11.38
N GLY A 413 -1.35 10.94 10.60
CA GLY A 413 -1.38 11.90 9.51
C GLY A 413 -1.33 13.33 10.00
N ILE A 414 -2.00 13.62 11.12
CA ILE A 414 -2.02 14.97 11.66
C ILE A 414 -0.65 15.36 12.21
N ILE A 415 0.01 14.42 12.90
CA ILE A 415 1.30 14.72 13.54
C ILE A 415 2.33 15.06 12.46
N PRO A 416 3.11 16.13 12.62
CA PRO A 416 4.03 16.54 11.55
C PRO A 416 5.21 15.58 11.41
N LYS A 417 5.92 15.74 10.29
CA LYS A 417 7.03 14.86 9.95
C LYS A 417 8.27 15.10 10.81
N SER A 418 8.29 16.15 11.63
CA SER A 418 9.46 16.43 12.46
C SER A 418 9.75 15.26 13.40
N HIS A 419 8.72 14.68 13.99
CA HIS A 419 8.87 13.51 14.83
C HIS A 419 8.75 12.25 13.98
N THR A 420 9.58 11.25 14.27
CA THR A 420 9.60 10.03 13.49
C THR A 420 9.32 8.78 14.31
N ILE A 421 9.85 8.68 15.52
CA ILE A 421 9.67 7.47 16.32
C ILE A 421 8.20 7.31 16.70
N ILE A 422 7.55 8.40 17.11
CA ILE A 422 6.16 8.31 17.54
C ILE A 422 5.27 7.91 16.37
N ARG A 423 5.46 8.52 15.20
CA ARG A 423 4.67 8.15 14.03
C ARG A 423 4.92 6.70 13.64
N THR A 424 6.18 6.27 13.64
CA THR A 424 6.50 4.89 13.28
C THR A 424 5.82 3.90 14.22
N SER A 425 5.91 4.15 15.53
CA SER A 425 5.28 3.26 16.51
C SER A 425 3.76 3.27 16.36
N LEU A 426 3.17 4.46 16.24
CA LEU A 426 1.76 4.63 16.00
C LEU A 426 1.29 3.76 14.82
N ALA A 427 2.05 3.79 13.72
CA ALA A 427 1.65 3.01 12.55
C ALA A 427 1.93 1.52 12.75
N VAL A 428 2.95 1.19 13.56
CA VAL A 428 3.22 -0.20 13.91
C VAL A 428 2.11 -0.81 14.72
N LEU A 429 1.39 0.02 15.47
CA LEU A 429 0.23 -0.41 16.24
C LEU A 429 -1.01 -0.42 15.36
N GLY A 430 -1.14 0.59 14.51
CA GLY A 430 -2.14 0.62 13.45
C GLY A 430 -2.22 -0.65 12.62
N LYS A 431 -1.11 -1.04 12.00
CA LYS A 431 -1.07 -2.25 11.17
C LYS A 431 -1.55 -3.48 11.94
N GLY A 432 -1.09 -3.63 13.18
CA GLY A 432 -1.55 -4.75 13.99
C GLY A 432 -3.03 -4.71 14.26
N CYS A 433 -3.56 -3.51 14.53
CA CYS A 433 -5.00 -3.38 14.73
C CYS A 433 -5.78 -3.70 13.46
N LEU A 434 -5.21 -3.36 12.29
CA LEU A 434 -5.83 -3.76 11.03
C LEU A 434 -5.84 -5.27 10.86
N ALA A 435 -4.76 -5.94 11.23
CA ALA A 435 -4.75 -7.40 11.16
C ALA A 435 -5.79 -8.01 12.09
N SER A 436 -5.90 -7.48 13.31
CA SER A 436 -6.92 -7.97 14.23
C SER A 436 -8.31 -7.72 13.66
N SER A 437 -8.53 -6.56 13.04
CA SER A 437 -9.81 -6.28 12.41
C SER A 437 -10.10 -7.23 11.25
N PHE A 438 -9.06 -7.61 10.50
CA PHE A 438 -9.26 -8.60 9.43
C PHE A 438 -9.71 -9.93 10.00
N ASN A 439 -9.06 -10.40 11.07
CA ASN A 439 -9.49 -11.65 11.68
C ASN A 439 -10.93 -11.54 12.19
N CYS A 440 -11.25 -10.43 12.83
CA CYS A 440 -12.60 -10.24 13.37
C CYS A 440 -13.65 -10.22 12.27
N ILE A 441 -13.38 -9.50 11.17
CA ILE A 441 -14.39 -9.39 10.12
C ILE A 441 -14.54 -10.72 9.40
N PHE A 442 -13.45 -11.49 9.26
CA PHE A 442 -13.60 -12.82 8.69
C PHE A 442 -14.46 -13.70 9.58
N LEU A 443 -14.22 -13.66 10.90
CA LEU A 443 -15.04 -14.45 11.81
C LEU A 443 -16.50 -14.04 11.74
N TYR A 444 -16.76 -12.73 11.73
CA TYR A 444 -18.13 -12.23 11.58
C TYR A 444 -18.78 -12.75 10.31
N THR A 445 -18.20 -12.40 9.15
CA THR A 445 -18.79 -12.74 7.87
C THR A 445 -19.02 -14.24 7.75
N GLY A 446 -18.13 -15.05 8.33
CA GLY A 446 -18.39 -16.48 8.37
C GLY A 446 -19.38 -16.93 9.41
N GLU A 447 -19.70 -16.08 10.38
CA GLU A 447 -20.59 -16.47 11.48
C GLU A 447 -22.04 -16.05 11.27
N LEU A 448 -22.31 -14.76 11.09
CA LEU A 448 -23.70 -14.32 11.03
C LEU A 448 -24.41 -14.76 9.75
N TYR A 449 -23.67 -14.91 8.65
CA TYR A 449 -24.30 -15.32 7.40
C TYR A 449 -24.87 -16.73 7.53
N PRO A 450 -26.07 -16.98 7.04
CA PRO A 450 -26.63 -18.34 7.06
C PRO A 450 -25.86 -19.27 6.14
N THR A 451 -25.90 -20.56 6.47
CA THR A 451 -25.17 -21.55 5.69
C THR A 451 -25.66 -21.65 4.25
N VAL A 452 -26.86 -21.12 3.97
CA VAL A 452 -27.37 -21.14 2.60
C VAL A 452 -26.46 -20.34 1.67
N ILE A 453 -26.04 -19.16 2.11
CA ILE A 453 -25.19 -18.30 1.29
C ILE A 453 -23.95 -17.87 2.08
N ARG A 454 -23.55 -18.69 3.06
CA ARG A 454 -22.36 -18.35 3.85
C ARG A 454 -21.12 -18.27 2.97
N GLN A 455 -20.96 -19.20 2.04
CA GLN A 455 -19.85 -19.12 1.10
C GLN A 455 -20.02 -17.95 0.16
N THR A 456 -21.26 -17.70 -0.29
CA THR A 456 -21.54 -16.51 -1.08
C THR A 456 -21.21 -15.26 -0.28
N GLY A 457 -21.55 -15.26 1.01
CA GLY A 457 -21.19 -14.12 1.86
C GLY A 457 -19.69 -13.91 1.95
N LEU A 458 -18.94 -15.00 2.12
CA LEU A 458 -17.49 -14.90 2.16
C LEU A 458 -16.95 -14.34 0.84
N GLY A 459 -17.47 -14.83 -0.27
CA GLY A 459 -17.03 -14.35 -1.57
C GLY A 459 -17.32 -12.88 -1.78
N MET A 460 -18.52 -12.44 -1.38
CA MET A 460 -18.88 -11.03 -1.53
C MET A 460 -18.05 -10.15 -0.60
N GLY A 461 -17.78 -10.61 0.61
CA GLY A 461 -16.92 -9.85 1.51
C GLY A 461 -15.51 -9.70 0.96
N SER A 462 -14.95 -10.78 0.43
CA SER A 462 -13.62 -10.70 -0.18
C SER A 462 -13.63 -9.81 -1.42
N THR A 463 -14.70 -9.88 -2.22
CA THR A 463 -14.80 -9.03 -3.41
C THR A 463 -14.86 -7.56 -3.04
N MET A 464 -15.65 -7.20 -2.03
CA MET A 464 -15.70 -5.81 -1.60
C MET A 464 -14.39 -5.38 -0.96
N ALA A 465 -13.71 -6.29 -0.27
CA ALA A 465 -12.38 -5.98 0.25
C ALA A 465 -11.40 -5.66 -0.88
N ARG A 466 -11.44 -6.45 -1.95
CA ARG A 466 -10.58 -6.18 -3.09
C ARG A 466 -10.99 -4.90 -3.82
N VAL A 467 -12.28 -4.56 -3.81
CA VAL A 467 -12.71 -3.28 -4.34
C VAL A 467 -12.11 -2.13 -3.52
N GLY A 468 -12.12 -2.28 -2.20
CA GLY A 468 -11.49 -1.28 -1.35
C GLY A 468 -9.99 -1.17 -1.59
N SER A 469 -9.33 -2.32 -1.78
CA SER A 469 -7.90 -2.31 -2.09
C SER A 469 -7.64 -1.73 -3.47
N ILE A 470 -8.62 -1.79 -4.37
CA ILE A 470 -8.53 -1.10 -5.65
C ILE A 470 -8.60 0.41 -5.44
N VAL A 471 -9.56 0.85 -4.64
CA VAL A 471 -9.84 2.28 -4.49
C VAL A 471 -8.71 2.97 -3.73
N SER A 472 -8.15 2.31 -2.71
CA SER A 472 -7.18 2.96 -1.82
C SER A 472 -6.00 3.59 -2.55
N PRO A 473 -5.33 2.94 -3.50
CA PRO A 473 -4.28 3.64 -4.26
C PRO A 473 -4.80 4.83 -5.05
N LEU A 474 -6.03 4.76 -5.55
CA LEU A 474 -6.61 5.92 -6.24
C LEU A 474 -6.74 7.10 -5.28
N VAL A 475 -7.18 6.83 -4.05
CA VAL A 475 -7.28 7.89 -3.05
C VAL A 475 -5.89 8.42 -2.71
N SER A 476 -4.91 7.52 -2.54
CA SER A 476 -3.55 7.94 -2.22
C SER A 476 -2.93 8.75 -3.35
N MET A 477 -3.37 8.56 -4.59
CA MET A 477 -2.87 9.36 -5.70
C MET A 477 -3.14 10.84 -5.49
N THR A 478 -4.28 11.18 -4.87
CA THR A 478 -4.63 12.57 -4.64
C THR A 478 -3.86 13.14 -3.46
N ALA A 479 -2.54 13.03 -3.49
CA ALA A 479 -1.67 13.65 -2.49
C ALA A 479 -1.00 14.91 -3.01
N GLU A 480 -1.23 15.26 -4.28
CA GLU A 480 -0.65 16.48 -4.83
C GLU A 480 -1.42 17.72 -4.37
N PHE A 481 -2.74 17.61 -4.23
CA PHE A 481 -3.53 18.75 -3.77
C PHE A 481 -3.21 19.10 -2.32
N TYR A 482 -3.25 18.10 -1.44
CA TYR A 482 -2.95 18.27 -0.03
C TYR A 482 -1.95 17.23 0.40
N PRO A 483 -1.08 17.55 1.37
CA PRO A 483 -0.06 16.59 1.79
C PRO A 483 -0.54 15.57 2.81
N SER A 484 -1.79 15.65 3.26
CA SER A 484 -2.33 14.68 4.20
C SER A 484 -3.75 14.26 3.86
N MET A 485 -4.31 14.70 2.74
CA MET A 485 -5.66 14.30 2.37
C MET A 485 -5.81 12.79 2.18
N PRO A 486 -4.91 12.08 1.48
CA PRO A 486 -5.03 10.62 1.45
C PRO A 486 -4.98 9.98 2.83
N LEU A 487 -4.09 10.46 3.70
CA LEU A 487 -4.04 9.92 5.05
C LEU A 487 -5.28 10.29 5.86
N PHE A 488 -5.83 11.48 5.62
CA PHE A 488 -7.08 11.85 6.27
C PHE A 488 -8.21 10.92 5.86
N ILE A 489 -8.29 10.58 4.57
CA ILE A 489 -9.31 9.65 4.12
C ILE A 489 -9.08 8.26 4.72
N PHE A 490 -7.81 7.81 4.73
CA PHE A 490 -7.49 6.51 5.31
C PHE A 490 -7.84 6.44 6.79
N GLY A 491 -7.76 7.56 7.50
CA GLY A 491 -8.09 7.58 8.91
C GLY A 491 -9.56 7.84 9.19
N ALA A 492 -10.28 8.41 8.22
CA ALA A 492 -11.69 8.74 8.42
C ALA A 492 -12.63 7.63 7.95
N VAL A 493 -12.23 6.84 6.96
CA VAL A 493 -13.11 5.77 6.47
C VAL A 493 -13.42 4.74 7.55
N PRO A 494 -12.45 4.23 8.32
CA PRO A 494 -12.81 3.26 9.39
C PRO A 494 -13.76 3.82 10.43
N VAL A 495 -13.68 5.12 10.74
CA VAL A 495 -14.61 5.69 11.71
C VAL A 495 -16.05 5.62 11.20
N VAL A 496 -16.25 5.98 9.93
CA VAL A 496 -17.58 5.89 9.34
C VAL A 496 -18.03 4.43 9.27
N ALA A 497 -17.10 3.53 8.98
CA ALA A 497 -17.44 2.10 8.94
C ALA A 497 -17.91 1.62 10.30
N SER A 498 -17.20 2.00 11.36
CA SER A 498 -17.63 1.62 12.71
C SER A 498 -18.98 2.22 13.05
N ALA A 499 -19.20 3.49 12.66
CA ALA A 499 -20.47 4.13 12.93
C ALA A 499 -21.62 3.40 12.24
N VAL A 500 -21.39 2.91 11.02
CA VAL A 500 -22.45 2.22 10.29
C VAL A 500 -22.56 0.73 10.62
N THR A 501 -21.54 0.14 11.25
CA THR A 501 -21.61 -1.27 11.63
C THR A 501 -21.87 -1.48 13.12
N ALA A 502 -22.00 -0.41 13.89
CA ALA A 502 -22.38 -0.55 15.29
C ALA A 502 -23.73 -1.24 15.46
N LEU A 503 -24.57 -1.23 14.43
CA LEU A 503 -25.89 -1.86 14.51
C LEU A 503 -25.85 -3.37 14.28
N LEU A 504 -24.68 -3.93 13.99
CA LEU A 504 -24.58 -5.38 13.78
C LEU A 504 -24.89 -6.11 15.09
N PRO A 505 -25.73 -7.14 15.07
CA PRO A 505 -26.06 -7.85 16.31
C PRO A 505 -24.87 -8.64 16.85
N GLU A 506 -24.85 -8.79 18.17
CA GLU A 506 -23.86 -9.63 18.81
C GLU A 506 -24.10 -11.09 18.47
N THR A 507 -23.02 -11.88 18.40
CA THR A 507 -23.15 -13.28 18.01
C THR A 507 -22.30 -14.21 18.87
N LEU A 508 -21.94 -13.80 20.10
CA LEU A 508 -21.14 -14.67 20.95
C LEU A 508 -21.90 -15.94 21.35
N GLY A 509 -23.23 -15.92 21.25
CA GLY A 509 -24.00 -17.09 21.63
C GLY A 509 -23.76 -18.28 20.71
N GLN A 510 -23.99 -19.47 21.26
CA GLN A 510 -23.80 -20.69 20.49
C GLN A 510 -24.66 -20.79 19.24
N PRO A 511 -25.95 -20.43 19.25
CA PRO A 511 -26.77 -20.59 18.04
C PRO A 511 -26.13 -19.97 16.81
N LEU A 512 -26.05 -20.77 15.74
CA LEU A 512 -25.42 -20.38 14.49
C LEU A 512 -26.43 -20.53 13.36
N PRO A 513 -26.80 -19.46 12.68
CA PRO A 513 -27.83 -19.57 11.63
C PRO A 513 -27.41 -20.55 10.55
N ASP A 514 -28.39 -21.34 10.07
CA ASP A 514 -28.16 -22.31 9.02
C ASP A 514 -28.95 -22.00 7.75
N THR A 515 -30.26 -21.79 7.87
CA THR A 515 -31.11 -21.44 6.75
C THR A 515 -31.48 -19.97 6.83
N VAL A 516 -32.34 -19.53 5.90
CA VAL A 516 -32.78 -18.14 5.87
C VAL A 516 -34.01 -17.89 6.73
N GLN A 517 -34.69 -18.95 7.18
CA GLN A 517 -35.90 -18.78 7.99
C GLN A 517 -35.58 -18.22 9.37
N ASP A 518 -34.49 -18.67 9.99
CA ASP A 518 -34.17 -18.25 11.34
C ASP A 518 -33.43 -16.92 11.38
N LEU A 519 -33.06 -16.34 10.23
CA LEU A 519 -32.44 -15.03 10.23
C LEU A 519 -33.37 -13.97 10.82
N LYS A 520 -34.64 -13.98 10.39
CA LYS A 520 -35.62 -13.10 11.01
C LYS A 520 -35.93 -13.54 12.44
N SER A 521 -35.92 -14.84 12.70
CA SER A 521 -36.14 -15.32 14.06
C SER A 521 -34.98 -14.92 14.98
N ARG A 522 -33.76 -14.95 14.47
CA ARG A 522 -32.62 -14.50 15.27
C ARG A 522 -32.75 -13.03 15.61
N SER A 523 -33.19 -12.21 14.66
CA SER A 523 -33.50 -10.82 14.95
C SER A 523 -34.66 -10.73 15.93
N ARG A 524 -35.66 -11.61 15.79
CA ARG A 524 -36.74 -11.67 16.77
C ARG A 524 -36.24 -12.17 18.12
N GLY A 525 -35.21 -13.02 18.13
CA GLY A 525 -34.67 -13.51 19.38
C GLY A 525 -34.04 -12.42 20.22
N LYS A 526 -33.30 -11.52 19.59
CA LYS A 526 -32.66 -10.42 20.32
C LYS A 526 -33.64 -9.30 20.57
N GLN B 7 -0.99 42.60 -15.90
CA GLN B 7 0.28 41.93 -15.68
C GLN B 7 0.77 42.14 -14.25
N VAL B 8 1.99 41.68 -13.97
CA VAL B 8 2.60 41.81 -12.65
C VAL B 8 3.89 42.59 -12.79
N GLN B 9 4.04 43.63 -11.97
CA GLN B 9 5.22 44.48 -11.97
C GLN B 9 5.87 44.44 -10.59
N LEU B 10 7.20 44.40 -10.57
CA LEU B 10 7.98 44.26 -9.35
C LEU B 10 9.13 45.27 -9.33
N VAL B 11 8.82 46.53 -9.62
CA VAL B 11 9.84 47.56 -9.58
C VAL B 11 10.40 47.68 -8.17
N GLU B 12 11.72 47.65 -8.04
CA GLU B 12 12.38 47.66 -6.74
C GLU B 12 13.35 48.83 -6.65
N SER B 13 13.58 49.28 -5.42
CA SER B 13 14.49 50.37 -5.15
C SER B 13 15.16 50.15 -3.81
N GLY B 14 16.27 50.84 -3.59
CA GLY B 14 17.02 50.73 -2.36
C GLY B 14 18.51 50.61 -2.57
N GLY B 15 18.94 50.64 -3.83
CA GLY B 15 20.35 50.56 -4.12
C GLY B 15 21.08 51.83 -3.73
N GLY B 16 22.33 51.68 -3.31
CA GLY B 16 23.13 52.81 -2.91
C GLY B 16 24.41 52.35 -2.25
N LEU B 17 25.13 53.32 -1.68
CA LEU B 17 26.39 53.09 -0.99
C LEU B 17 26.20 53.32 0.50
N VAL B 18 26.48 52.30 1.30
CA VAL B 18 26.39 52.39 2.75
C VAL B 18 27.60 51.70 3.35
N GLN B 19 28.12 52.26 4.44
CA GLN B 19 29.27 51.68 5.11
C GLN B 19 28.88 50.38 5.81
N ALA B 20 29.87 49.52 6.02
CA ALA B 20 29.65 48.28 6.75
C ALA B 20 29.18 48.59 8.17
N GLY B 21 28.19 47.83 8.64
CA GLY B 21 27.58 48.08 9.93
C GLY B 21 26.39 49.01 9.88
N GLY B 22 26.06 49.57 8.71
CA GLY B 22 24.91 50.44 8.57
C GLY B 22 23.63 49.65 8.35
N SER B 23 22.59 50.37 7.94
CA SER B 23 21.29 49.76 7.72
C SER B 23 20.53 50.54 6.66
N LEU B 24 20.06 49.84 5.63
CA LEU B 24 19.18 50.40 4.63
C LEU B 24 18.24 49.31 4.15
N ARG B 25 17.00 49.68 3.85
CA ARG B 25 15.96 48.72 3.57
C ARG B 25 15.74 48.55 2.07
N LEU B 26 15.38 47.34 1.68
CA LEU B 26 15.11 46.99 0.29
C LEU B 26 13.65 46.58 0.13
N SER B 27 13.09 46.91 -1.03
CA SER B 27 11.69 46.60 -1.29
C SER B 27 11.43 46.63 -2.78
N CYS B 28 10.55 45.74 -3.23
CA CYS B 28 10.05 45.75 -4.61
C CYS B 28 8.54 45.92 -4.58
N ALA B 29 8.04 46.83 -5.42
CA ALA B 29 6.62 47.17 -5.45
C ALA B 29 5.87 46.15 -6.29
N ALA B 30 5.20 45.22 -5.62
CA ALA B 30 4.44 44.19 -6.31
C ALA B 30 3.07 44.72 -6.73
N SER B 31 2.40 43.97 -7.60
CA SER B 31 1.08 44.34 -8.08
C SER B 31 0.31 43.08 -8.44
N GLY B 32 -1.01 43.16 -8.31
CA GLY B 32 -1.89 42.07 -8.70
C GLY B 32 -2.05 40.96 -7.68
N PHE B 33 -1.37 41.05 -6.53
CA PHE B 33 -1.44 40.01 -5.51
C PHE B 33 -1.05 40.61 -4.18
N PRO B 34 -1.52 40.06 -3.06
CA PRO B 34 -1.00 40.46 -1.74
C PRO B 34 0.13 39.60 -1.19
N VAL B 35 0.76 40.09 -0.12
CA VAL B 35 1.96 39.45 0.42
C VAL B 35 1.65 38.29 1.35
N LYS B 36 0.38 37.93 1.52
CA LYS B 36 -0.03 36.91 2.48
C LYS B 36 -0.71 35.72 1.78
N THR B 37 -0.36 35.45 0.52
CA THR B 37 -1.07 34.41 -0.22
C THR B 37 -0.13 33.40 -0.87
N GLU B 38 1.07 33.83 -1.24
CA GLU B 38 1.93 33.01 -2.09
C GLU B 38 3.38 33.11 -1.63
N TRP B 39 4.23 32.36 -2.31
CA TRP B 39 5.66 32.28 -2.02
C TRP B 39 6.33 33.60 -2.37
N MET B 40 7.48 33.86 -1.73
CA MET B 40 8.28 35.04 -2.04
C MET B 40 9.67 34.92 -1.43
N GLU B 41 10.70 35.19 -2.23
CA GLU B 41 12.09 34.95 -1.83
C GLU B 41 12.93 36.18 -2.11
N TRP B 42 14.22 36.08 -1.78
CA TRP B 42 15.22 37.09 -2.11
C TRP B 42 16.49 36.39 -2.56
N TYR B 43 17.08 36.87 -3.65
CA TYR B 43 18.24 36.22 -4.25
C TYR B 43 19.37 37.23 -4.46
N ARG B 44 20.59 36.74 -4.36
CA ARG B 44 21.80 37.54 -4.54
C ARG B 44 22.65 36.96 -5.66
N GLN B 45 23.44 37.82 -6.31
CA GLN B 45 24.46 37.36 -7.24
C GLN B 45 25.60 38.38 -7.21
N ALA B 46 26.67 38.05 -6.49
CA ALA B 46 27.85 38.88 -6.47
C ALA B 46 28.56 38.81 -7.82
N PRO B 47 29.35 39.83 -8.16
CA PRO B 47 30.14 39.76 -9.40
C PRO B 47 31.02 38.53 -9.45
N GLY B 48 30.72 37.62 -10.37
CA GLY B 48 31.38 36.34 -10.44
C GLY B 48 30.71 35.24 -9.63
N LYS B 49 29.70 35.56 -8.84
CA LYS B 49 28.98 34.56 -8.05
C LYS B 49 27.64 34.24 -8.69
N GLU B 50 27.00 33.20 -8.16
CA GLU B 50 25.78 32.67 -8.74
C GLU B 50 24.56 33.23 -8.00
N ARG B 51 23.38 32.73 -8.38
CA ARG B 51 22.14 33.14 -7.72
C ARG B 51 22.03 32.50 -6.35
N GLU B 52 22.50 33.20 -5.32
CA GLU B 52 22.48 32.68 -3.96
C GLU B 52 21.18 33.10 -3.28
N TRP B 53 20.46 32.12 -2.76
CA TRP B 53 19.17 32.36 -2.11
C TRP B 53 19.39 32.92 -0.71
N VAL B 54 18.64 33.97 -0.36
CA VAL B 54 18.87 34.69 0.88
C VAL B 54 17.83 34.33 1.93
N ALA B 55 16.57 34.62 1.65
CA ALA B 55 15.51 34.45 2.64
C ALA B 55 14.21 34.11 1.94
N ALA B 56 13.29 33.52 2.70
CA ALA B 56 12.04 33.02 2.16
C ALA B 56 10.88 33.40 3.06
N ILE B 57 9.76 33.76 2.45
CA ILE B 57 8.51 34.05 3.14
C ILE B 57 7.39 33.30 2.42
N TRP B 58 6.57 32.59 3.18
CA TRP B 58 5.42 31.87 2.64
C TRP B 58 4.13 32.63 2.92
N SER B 59 3.00 31.98 2.61
CA SER B 59 1.70 32.62 2.75
C SER B 59 1.32 32.79 4.22
N TYR B 60 0.62 33.89 4.51
CA TYR B 60 0.05 34.16 5.83
C TYR B 60 1.11 34.19 6.93
N GLY B 61 2.33 34.60 6.59
CA GLY B 61 3.38 34.73 7.58
C GLY B 61 3.72 33.44 8.30
N SER B 62 3.92 32.36 7.53
CA SER B 62 4.16 31.06 8.14
C SER B 62 5.44 31.03 8.98
N GLY B 63 6.36 31.94 8.75
CA GLY B 63 7.56 32.01 9.58
C GLY B 63 8.65 32.79 8.88
N THR B 64 9.88 32.58 9.38
CA THR B 64 11.07 33.25 8.89
C THR B 64 12.19 32.23 8.76
N ARG B 65 12.98 32.34 7.70
CA ARG B 65 14.06 31.40 7.48
C ARG B 65 15.14 32.04 6.61
N TYR B 66 16.40 31.73 6.92
CA TYR B 66 17.53 32.26 6.16
C TYR B 66 18.45 31.13 5.70
N ALA B 67 19.62 31.48 5.18
CA ALA B 67 20.61 30.51 4.71
C ALA B 67 21.77 30.43 5.70
N ASP B 68 22.79 29.66 5.32
CA ASP B 68 23.90 29.38 6.23
C ASP B 68 24.65 30.65 6.61
N SER B 69 25.06 31.44 5.61
CA SER B 69 25.77 32.68 5.86
C SER B 69 24.81 33.83 6.15
N VAL B 70 23.51 33.58 6.14
CA VAL B 70 22.51 34.63 6.32
C VAL B 70 21.80 34.54 7.66
N LYS B 71 21.85 33.40 8.35
CA LYS B 71 21.14 33.24 9.61
C LYS B 71 21.72 34.14 10.70
N GLY B 72 20.84 34.74 11.48
CA GLY B 72 21.26 35.58 12.60
C GLY B 72 21.93 36.88 12.20
N ARG B 73 21.85 37.27 10.95
CA ARG B 73 22.55 38.44 10.44
C ARG B 73 21.58 39.30 9.65
N PHE B 74 20.57 38.67 9.06
CA PHE B 74 19.61 39.33 8.18
C PHE B 74 18.25 39.41 8.85
N THR B 75 17.50 40.46 8.51
CA THR B 75 16.13 40.64 8.96
C THR B 75 15.24 40.85 7.76
N ILE B 76 14.13 40.11 7.69
CA ILE B 76 13.16 40.24 6.62
C ILE B 76 11.79 40.53 7.24
N SER B 77 11.15 41.58 6.74
CA SER B 77 9.84 41.99 7.24
C SER B 77 8.91 42.25 6.06
N ARG B 78 7.67 41.80 6.20
CA ARG B 78 6.66 41.99 5.17
C ARG B 78 5.89 43.29 5.41
N ASP B 79 5.03 43.61 4.44
CA ASP B 79 4.18 44.80 4.56
C ASP B 79 2.94 44.56 3.70
N ASN B 80 1.82 44.27 4.37
CA ASN B 80 0.57 44.01 3.66
C ASN B 80 -0.08 45.29 3.12
N ALA B 81 0.26 46.45 3.69
CA ALA B 81 -0.42 47.69 3.31
C ALA B 81 -0.07 48.10 1.89
N LYS B 82 1.22 48.13 1.56
CA LYS B 82 1.69 48.62 0.28
C LYS B 82 2.09 47.51 -0.68
N ASN B 83 1.75 46.26 -0.37
CA ASN B 83 2.06 45.11 -1.22
C ASN B 83 3.56 45.03 -1.50
N THR B 84 4.36 45.19 -0.44
CA THR B 84 5.81 45.22 -0.56
C THR B 84 6.42 44.46 0.60
N VAL B 85 7.68 44.07 0.41
CA VAL B 85 8.48 43.43 1.45
C VAL B 85 9.60 44.38 1.84
N TYR B 86 9.68 44.72 3.13
CA TYR B 86 10.62 45.72 3.62
C TYR B 86 11.74 44.98 4.35
N LEU B 87 12.84 44.74 3.65
CA LEU B 87 13.93 43.92 4.15
C LEU B 87 15.08 44.82 4.59
N GLN B 88 15.50 44.66 5.84
CA GLN B 88 16.59 45.42 6.42
C GLN B 88 17.81 44.53 6.67
N MET B 89 18.99 45.12 6.57
CA MET B 89 20.23 44.42 6.89
C MET B 89 21.11 45.29 7.76
N ASN B 90 21.62 44.71 8.84
CA ASN B 90 22.50 45.41 9.77
C ASN B 90 23.79 44.62 9.92
N SER B 91 24.88 45.34 10.19
CA SER B 91 26.23 44.76 10.22
C SER B 91 26.56 44.12 8.87
N LEU B 92 26.61 44.97 7.85
CA LEU B 92 26.76 44.50 6.48
C LEU B 92 28.07 43.77 6.27
N LYS B 93 27.98 42.52 5.81
CA LYS B 93 29.15 41.78 5.41
C LYS B 93 29.78 42.42 4.18
N PRO B 94 31.11 42.56 4.14
CA PRO B 94 31.75 43.17 2.96
C PRO B 94 31.83 42.24 1.76
N GLU B 95 31.41 40.99 1.89
CA GLU B 95 31.29 40.07 0.76
C GLU B 95 29.88 40.02 0.20
N ASP B 96 28.96 40.84 0.72
CA ASP B 96 27.56 40.83 0.30
C ASP B 96 27.28 41.83 -0.82
N THR B 97 28.30 42.21 -1.60
CA THR B 97 28.10 43.11 -2.73
C THR B 97 27.44 42.34 -3.85
N ALA B 98 26.13 42.51 -4.01
CA ALA B 98 25.37 41.74 -4.99
C ALA B 98 24.11 42.51 -5.36
N VAL B 99 23.51 42.10 -6.47
CA VAL B 99 22.24 42.65 -6.92
C VAL B 99 21.10 41.84 -6.31
N TYR B 100 20.18 42.53 -5.63
CA TYR B 100 19.12 41.87 -4.89
C TYR B 100 17.91 41.62 -5.79
N TYR B 101 17.43 40.39 -5.80
CA TYR B 101 16.29 39.96 -6.60
C TYR B 101 15.18 39.47 -5.69
N CYS B 102 13.93 39.69 -6.11
CA CYS B 102 12.77 39.16 -5.41
C CYS B 102 11.86 38.48 -6.42
N LEU B 103 11.29 37.34 -6.03
CA LEU B 103 10.41 36.56 -6.87
C LEU B 103 8.97 36.65 -6.36
N VAL B 104 8.07 35.94 -7.04
CA VAL B 104 6.69 35.81 -6.59
C VAL B 104 6.32 34.38 -6.28
N ARG B 105 7.21 33.42 -6.50
CA ARG B 105 7.01 32.03 -6.12
C ARG B 105 8.39 31.40 -5.98
N VAL B 106 8.41 30.12 -5.61
CA VAL B 106 9.68 29.36 -5.54
C VAL B 106 9.90 28.83 -6.96
N GLY B 107 10.43 29.71 -7.80
CA GLY B 107 10.48 29.44 -9.23
C GLY B 107 9.22 30.02 -9.86
N SER B 108 9.35 31.15 -10.56
CA SER B 108 8.17 31.84 -11.03
C SER B 108 8.48 32.54 -12.36
N TRP B 109 7.42 32.97 -13.02
CA TRP B 109 7.51 33.66 -14.30
C TRP B 109 7.70 35.16 -14.15
N TYR B 110 7.58 35.68 -12.93
CA TYR B 110 7.70 37.11 -12.65
C TYR B 110 8.80 37.32 -11.61
N HIS B 111 9.72 38.22 -11.89
CA HIS B 111 10.81 38.52 -10.97
C HIS B 111 11.26 39.96 -11.16
N GLY B 112 11.92 40.49 -10.14
CA GLY B 112 12.27 41.90 -10.13
C GLY B 112 13.35 42.25 -11.15
N GLN B 113 13.40 43.54 -11.49
CA GLN B 113 14.37 44.03 -12.46
C GLN B 113 15.78 43.98 -11.90
N GLY B 114 15.98 44.49 -10.69
CA GLY B 114 17.30 44.47 -10.07
C GLY B 114 17.66 45.72 -9.31
N THR B 115 18.31 45.55 -8.16
CA THR B 115 18.84 46.66 -7.36
C THR B 115 20.21 46.28 -6.84
N GLN B 116 21.19 47.16 -7.05
CA GLN B 116 22.59 46.87 -6.75
C GLN B 116 23.04 47.82 -5.63
N VAL B 117 23.62 47.23 -4.58
CA VAL B 117 24.11 48.00 -3.44
C VAL B 117 25.61 47.77 -3.30
N THR B 118 26.28 48.72 -2.67
CA THR B 118 27.71 48.63 -2.38
C THR B 118 27.93 48.77 -0.89
N VAL B 119 28.72 47.87 -0.33
CA VAL B 119 29.01 47.88 1.11
C VAL B 119 30.35 48.57 1.36
N SER B 120 31.27 48.43 0.40
CA SER B 120 32.62 49.02 0.49
C SER B 120 33.30 48.44 1.72
N ALA B 121 33.86 49.25 2.62
CA ALA B 121 34.50 48.76 3.82
C ALA B 121 33.64 49.02 5.05
P PO4 C . -3.49 -12.58 9.09
O1 PO4 C . -4.06 -13.48 8.03
O2 PO4 C . -2.98 -11.30 8.44
O3 PO4 C . -2.35 -13.28 9.79
O4 PO4 C . -4.57 -12.23 10.09
P PO4 D . -8.63 -12.66 5.86
O1 PO4 D . -7.52 -12.46 4.86
O2 PO4 D . -8.45 -13.99 6.57
O3 PO4 D . -9.96 -12.67 5.13
O4 PO4 D . -8.63 -11.54 6.86
P PO4 E . -4.58 -10.01 3.66
O1 PO4 E . -5.27 -11.33 3.42
O2 PO4 E . -3.17 -10.08 3.13
O3 PO4 E . -4.54 -9.72 5.14
O4 PO4 E . -5.33 -8.91 2.94
#